data_1NC7
#
_entry.id   1NC7
#
_cell.length_a   54.435
_cell.length_b   54.453
_cell.length_c   55.178
_cell.angle_alpha   63.18
_cell.angle_beta   62.27
_cell.angle_gamma   89.81
#
_symmetry.space_group_name_H-M   'P 1'
#
loop_
_entity.id
_entity.type
_entity.pdbx_description
1 polymer 'hypothetical protein TM1070'
2 non-polymer 'CHLORIDE ION'
3 non-polymer 'MAGNESIUM ION'
4 non-polymer 1,2-ETHANEDIOL
5 non-polymer 'FORMIC ACID'
6 water water
#
_entity_poly.entity_id   1
_entity_poly.type   'polypeptide(L)'
_entity_poly.pdbx_seq_one_letter_code
;(MSE)GSSHHHHHHSSGRENLYFQGH(MSE)NGARKWFFPDGYIPNGKRGYLVSHESLCI(MSE)NTGDETAKIRITFLF
EDSKPVVHEVEISP(MSE)KSLHLRLDKLGIPKCKPYSI(MSE)AESNVPVV(MSE)QLSRLDVGKNHYTL(MSE)TTIG
YWEEGS
;
_entity_poly.pdbx_strand_id   A,B,C,D
#
# COMPACT_ATOMS: atom_id res chain seq x y z
N HIS A 22 -10.90 23.72 -0.02
CA HIS A 22 -10.37 24.46 -1.20
C HIS A 22 -9.22 23.69 -1.85
N ASN A 24 -6.28 20.50 -1.95
CA ASN A 24 -6.29 19.07 -1.70
C ASN A 24 -4.97 18.58 -1.13
N GLY A 25 -5.06 17.61 -0.23
CA GLY A 25 -3.87 17.04 0.35
C GLY A 25 -3.60 17.40 1.80
N ALA A 26 -2.36 17.17 2.22
CA ALA A 26 -1.91 17.45 3.58
C ALA A 26 -0.53 18.08 3.52
N ARG A 27 -0.13 18.75 4.60
N ARG A 27 -0.13 18.75 4.60
CA ARG A 27 1.18 19.39 4.64
CA ARG A 27 1.19 19.40 4.63
C ARG A 27 2.32 18.49 5.10
C ARG A 27 2.32 18.48 5.09
N LYS A 28 1.99 17.41 5.81
CA LYS A 28 3.02 16.49 6.29
C LYS A 28 2.74 15.06 5.89
N TRP A 29 3.79 14.39 5.39
CA TRP A 29 3.69 13.00 4.95
C TRP A 29 4.82 12.18 5.57
N PHE A 30 4.51 10.93 5.90
CA PHE A 30 5.46 10.04 6.56
C PHE A 30 5.54 8.66 5.92
N PHE A 31 6.77 8.19 5.72
CA PHE A 31 7.04 6.88 5.13
C PHE A 31 8.10 6.18 5.98
N PRO A 32 7.66 5.28 6.86
CA PRO A 32 8.61 4.55 7.73
C PRO A 32 9.61 3.62 7.06
N ASP A 33 9.23 2.97 5.96
CA ASP A 33 10.15 2.03 5.34
C ASP A 33 10.91 2.55 4.13
N GLY A 34 12.07 3.15 4.40
CA GLY A 34 12.91 3.66 3.35
C GLY A 34 14.17 2.80 3.26
N TYR A 35 14.60 2.51 2.02
CA TYR A 35 15.79 1.69 1.82
C TYR A 35 16.15 1.71 0.35
N ILE A 36 17.38 2.05 0.03
CA ILE A 36 17.83 2.06 -1.36
C ILE A 36 18.65 0.80 -1.61
N PRO A 37 18.09 -0.17 -2.35
CA PRO A 37 18.83 -1.41 -2.63
C PRO A 37 20.03 -1.08 -3.52
N ASN A 38 21.03 -1.94 -3.52
CA ASN A 38 22.21 -1.69 -4.35
C ASN A 38 22.23 -2.52 -5.63
N GLY A 39 21.23 -3.36 -5.81
CA GLY A 39 21.18 -4.19 -6.99
C GLY A 39 21.02 -3.44 -8.31
N LYS A 40 21.65 -3.94 -9.36
CA LYS A 40 21.58 -3.33 -10.67
C LYS A 40 21.15 -4.40 -11.67
N ARG A 41 20.44 -3.97 -12.71
CA ARG A 41 19.96 -4.88 -13.74
C ARG A 41 20.20 -4.18 -15.06
N GLY A 42 21.37 -4.39 -15.64
CA GLY A 42 21.70 -3.74 -16.89
C GLY A 42 21.85 -2.25 -16.63
N TYR A 43 21.04 -1.44 -17.31
CA TYR A 43 21.09 0.00 -17.13
C TYR A 43 20.13 0.44 -16.03
N LEU A 44 19.31 -0.49 -15.57
CA LEU A 44 18.33 -0.20 -14.53
C LEU A 44 18.96 -0.38 -13.15
N VAL A 45 18.71 0.59 -12.27
CA VAL A 45 19.26 0.54 -10.92
C VAL A 45 18.14 0.55 -9.89
N SER A 46 18.35 -0.16 -8.77
CA SER A 46 17.37 -0.20 -7.71
C SER A 46 17.23 1.22 -7.16
N HIS A 47 16.02 1.59 -6.75
CA HIS A 47 15.81 2.92 -6.23
C HIS A 47 14.46 3.05 -5.59
N GLU A 48 14.22 4.22 -5.00
CA GLU A 48 12.93 4.52 -4.42
C GLU A 48 12.53 5.84 -5.04
N SER A 49 11.25 5.97 -5.33
CA SER A 49 10.72 7.20 -5.91
C SER A 49 9.69 7.78 -4.97
N LEU A 50 9.95 8.99 -4.48
CA LEU A 50 9.01 9.67 -3.62
C LEU A 50 8.19 10.52 -4.58
N CYS A 51 6.96 10.09 -4.83
CA CYS A 51 6.09 10.78 -5.78
C CYS A 51 5.21 11.79 -5.07
N ILE A 52 5.22 13.01 -5.59
CA ILE A 52 4.48 14.11 -5.01
C ILE A 52 3.61 14.78 -6.07
N ASN A 54 0.92 18.23 -6.66
CA ASN A 54 0.45 19.52 -6.16
C ASN A 54 -0.71 19.98 -7.02
N THR A 55 -1.91 19.95 -6.47
CA THR A 55 -3.09 20.37 -7.23
C THR A 55 -3.43 21.83 -6.96
N GLY A 56 -2.61 22.50 -6.14
CA GLY A 56 -2.85 23.89 -5.80
C GLY A 56 -2.35 24.90 -6.81
N ASP A 57 -2.53 26.18 -6.49
CA ASP A 57 -2.10 27.26 -7.38
C ASP A 57 -0.74 27.85 -7.02
N GLU A 58 -0.14 27.38 -5.94
CA GLU A 58 1.16 27.89 -5.52
C GLU A 58 2.23 26.79 -5.45
N THR A 59 3.44 27.14 -5.85
CA THR A 59 4.55 26.20 -5.83
C THR A 59 4.74 25.70 -4.40
N ALA A 60 4.86 24.39 -4.25
CA ALA A 60 5.05 23.80 -2.94
C ALA A 60 6.54 23.68 -2.61
N LYS A 61 6.93 24.19 -1.44
CA LYS A 61 8.31 24.13 -0.98
C LYS A 61 8.29 22.99 0.02
N ILE A 62 9.01 21.91 -0.26
CA ILE A 62 9.01 20.75 0.60
C ILE A 62 10.35 20.42 1.22
N ARG A 63 10.34 20.25 2.54
CA ARG A 63 11.53 19.89 3.29
C ARG A 63 11.39 18.40 3.59
N ILE A 64 12.35 17.62 3.09
CA ILE A 64 12.32 16.17 3.28
C ILE A 64 13.37 15.74 4.27
N THR A 65 12.93 15.24 5.42
CA THR A 65 13.84 14.79 6.46
C THR A 65 13.99 13.27 6.44
N PHE A 66 15.24 12.81 6.42
CA PHE A 66 15.54 11.39 6.43
C PHE A 66 16.03 11.02 7.83
N LEU A 67 15.36 10.06 8.46
CA LEU A 67 15.75 9.58 9.78
C LEU A 67 16.42 8.23 9.62
N PHE A 68 17.42 7.96 10.45
CA PHE A 68 18.15 6.70 10.37
C PHE A 68 18.06 5.93 11.69
N GLU A 69 18.61 4.71 11.72
CA GLU A 69 18.55 3.90 12.92
C GLU A 69 19.58 4.32 13.97
N ASP A 70 20.79 4.66 13.53
CA ASP A 70 21.85 5.05 14.46
C ASP A 70 22.68 6.23 13.98
N SER A 71 22.11 7.03 13.08
CA SER A 71 22.78 8.21 12.55
C SER A 71 21.82 9.37 12.70
N LYS A 72 22.33 10.59 12.62
CA LYS A 72 21.48 11.77 12.75
C LYS A 72 20.75 12.06 11.44
N PRO A 73 19.69 12.87 11.50
CA PRO A 73 18.91 13.21 10.31
C PRO A 73 19.66 13.97 9.21
N VAL A 74 19.14 13.83 8.00
CA VAL A 74 19.67 14.53 6.84
C VAL A 74 18.44 15.14 6.19
N VAL A 75 18.52 16.42 5.85
CA VAL A 75 17.39 17.11 5.27
C VAL A 75 17.66 17.65 3.87
N HIS A 76 16.71 17.41 2.98
CA HIS A 76 16.80 17.89 1.61
C HIS A 76 15.60 18.78 1.32
N GLU A 77 15.70 19.54 0.22
N GLU A 77 15.70 19.55 0.23
CA GLU A 77 14.62 20.43 -0.17
CA GLU A 77 14.62 20.43 -0.17
C GLU A 77 14.29 20.27 -1.64
C GLU A 77 14.29 20.27 -1.64
N VAL A 78 13.00 20.33 -1.96
CA VAL A 78 12.55 20.21 -3.33
C VAL A 78 11.33 21.10 -3.51
N GLU A 79 11.00 21.43 -4.75
N GLU A 79 11.01 21.42 -4.75
CA GLU A 79 9.84 22.26 -5.03
CA GLU A 79 9.86 22.26 -5.06
C GLU A 79 9.02 21.61 -6.13
C GLU A 79 9.01 21.59 -6.13
N ILE A 80 7.71 21.81 -6.08
CA ILE A 80 6.81 21.25 -7.08
C ILE A 80 5.85 22.36 -7.49
N SER A 81 5.85 22.65 -8.79
CA SER A 81 5.01 23.71 -9.36
C SER A 81 3.52 23.39 -9.29
N PRO A 82 2.67 24.41 -9.46
CA PRO A 82 1.21 24.23 -9.42
C PRO A 82 0.71 23.25 -10.48
N LYS A 84 1.19 20.09 -10.96
CA LYS A 84 2.25 19.26 -11.52
C LYS A 84 2.51 18.04 -10.66
N SER A 85 3.20 17.07 -11.24
CA SER A 85 3.60 15.85 -10.57
C SER A 85 5.12 15.88 -10.46
N LEU A 86 5.66 15.17 -9.47
CA LEU A 86 7.10 15.12 -9.31
C LEU A 86 7.46 13.75 -8.75
N HIS A 87 8.20 12.96 -9.54
CA HIS A 87 8.64 11.64 -9.11
C HIS A 87 10.11 11.82 -8.72
N LEU A 88 10.35 12.03 -7.43
CA LEU A 88 11.70 12.26 -6.93
C LEU A 88 12.50 10.99 -6.70
N ARG A 89 13.62 10.86 -7.42
CA ARG A 89 14.50 9.70 -7.29
C ARG A 89 15.37 9.88 -6.05
N LEU A 90 15.06 9.10 -5.01
CA LEU A 90 15.80 9.20 -3.76
C LEU A 90 17.21 8.65 -3.80
N ASP A 91 17.52 7.85 -4.81
CA ASP A 91 18.86 7.27 -4.94
C ASP A 91 19.87 8.26 -5.51
N LYS A 92 19.41 9.47 -5.82
CA LYS A 92 20.27 10.50 -6.39
C LYS A 92 20.49 11.67 -5.42
N LEU A 93 20.32 11.42 -4.13
CA LEU A 93 20.47 12.45 -3.12
C LEU A 93 21.66 12.27 -2.18
N GLY A 94 22.50 11.27 -2.43
CA GLY A 94 23.64 11.05 -1.58
C GLY A 94 23.34 10.20 -0.35
N ILE A 95 22.13 9.65 -0.29
CA ILE A 95 21.74 8.80 0.81
C ILE A 95 22.47 7.48 0.69
N PRO A 96 23.09 6.99 1.78
CA PRO A 96 23.81 5.73 1.70
C PRO A 96 22.91 4.59 1.23
N LYS A 97 23.41 3.76 0.33
CA LYS A 97 22.64 2.63 -0.16
C LYS A 97 22.65 1.55 0.90
N CYS A 98 21.64 0.70 0.89
CA CYS A 98 21.54 -0.40 1.85
C CYS A 98 21.58 0.07 3.30
N LYS A 99 20.96 1.22 3.55
CA LYS A 99 20.90 1.78 4.90
C LYS A 99 19.45 2.13 5.19
N PRO A 100 18.84 1.43 6.14
CA PRO A 100 17.43 1.70 6.49
C PRO A 100 17.21 3.13 6.94
N TYR A 101 16.10 3.72 6.51
CA TYR A 101 15.76 5.07 6.91
C TYR A 101 14.26 5.24 6.86
N SER A 102 13.79 6.42 7.29
CA SER A 102 12.38 6.75 7.28
C SER A 102 12.30 8.18 6.76
N ILE A 103 11.15 8.54 6.20
CA ILE A 103 10.98 9.86 5.62
C ILE A 103 9.85 10.68 6.23
N ALA A 105 8.15 14.33 5.31
CA ALA A 105 8.18 15.42 4.35
C ALA A 105 7.18 16.48 4.80
N GLU A 106 7.62 17.74 4.83
CA GLU A 106 6.77 18.83 5.26
C GLU A 106 6.69 19.89 4.18
N SER A 107 5.47 20.24 3.79
CA SER A 107 5.23 21.22 2.73
C SER A 107 4.55 22.48 3.28
N ASN A 108 4.74 23.60 2.59
CA ASN A 108 4.11 24.85 3.00
C ASN A 108 2.65 24.87 2.58
N VAL A 109 2.31 24.05 1.58
CA VAL A 109 0.94 23.95 1.10
C VAL A 109 0.57 22.47 0.96
N PRO A 110 -0.73 22.15 1.01
CA PRO A 110 -1.15 20.75 0.88
C PRO A 110 -0.70 20.07 -0.42
N VAL A 111 -0.24 18.83 -0.29
CA VAL A 111 0.19 18.02 -1.42
C VAL A 111 -0.16 16.58 -1.07
N VAL A 112 0.08 15.65 -1.99
CA VAL A 112 -0.19 14.24 -1.72
C VAL A 112 1.06 13.47 -2.10
N GLN A 114 3.30 9.52 -2.27
CA GLN A 114 3.32 8.06 -2.37
C GLN A 114 4.78 7.63 -2.52
N LEU A 115 5.17 6.54 -1.87
CA LEU A 115 6.55 6.05 -1.98
C LEU A 115 6.58 4.66 -2.59
N SER A 116 7.40 4.50 -3.62
CA SER A 116 7.53 3.22 -4.30
C SER A 116 8.98 2.80 -4.36
N ARG A 117 9.22 1.50 -4.26
CA ARG A 117 10.57 0.98 -4.32
C ARG A 117 10.71 -0.04 -5.42
N LEU A 118 11.78 0.08 -6.19
CA LEU A 118 12.09 -0.88 -7.24
C LEU A 118 13.37 -1.58 -6.78
N ASP A 119 13.27 -2.87 -6.53
CA ASP A 119 14.43 -3.65 -6.10
C ASP A 119 14.73 -4.57 -7.28
N VAL A 120 15.87 -4.34 -7.93
CA VAL A 120 16.25 -5.15 -9.09
C VAL A 120 17.67 -5.68 -8.98
N GLY A 121 17.91 -6.76 -9.71
CA GLY A 121 19.23 -7.38 -9.72
C GLY A 121 19.32 -8.27 -10.95
N LYS A 122 20.43 -8.95 -11.11
CA LYS A 122 20.62 -9.83 -12.25
C LYS A 122 19.51 -10.88 -12.32
N ASN A 123 19.04 -11.32 -11.15
CA ASN A 123 18.01 -12.34 -11.11
C ASN A 123 16.73 -12.02 -10.34
N HIS A 124 16.39 -10.73 -10.23
CA HIS A 124 15.15 -10.34 -9.58
C HIS A 124 14.70 -8.95 -10.02
N TYR A 125 13.41 -8.70 -9.86
CA TYR A 125 12.82 -7.42 -10.26
C TYR A 125 11.49 -7.34 -9.54
N THR A 126 11.38 -6.45 -8.57
CA THR A 126 10.13 -6.35 -7.84
C THR A 126 9.79 -4.92 -7.42
N LEU A 127 8.49 -4.64 -7.31
CA LEU A 127 7.99 -3.33 -6.93
C LEU A 127 7.07 -3.42 -5.72
N THR A 129 4.69 -0.47 -3.10
CA THR A 129 4.32 0.94 -2.96
C THR A 129 3.26 1.14 -1.90
N THR A 130 3.17 2.37 -1.43
CA THR A 130 2.12 2.72 -0.49
C THR A 130 1.93 4.22 -0.41
N ILE A 131 0.67 4.60 -0.20
CA ILE A 131 0.32 5.99 -0.02
C ILE A 131 0.92 6.22 1.39
N GLY A 132 1.33 7.44 1.70
CA GLY A 132 1.90 7.64 3.02
C GLY A 132 0.89 7.98 4.09
N TYR A 133 1.37 8.12 5.32
CA TYR A 133 0.51 8.54 6.42
C TYR A 133 0.56 10.07 6.29
N TRP A 134 -0.57 10.73 6.52
CA TRP A 134 -0.60 12.17 6.38
C TRP A 134 -1.10 12.91 7.61
N GLU A 135 -0.69 14.17 7.73
CA GLU A 135 -1.09 15.01 8.85
C GLU A 135 -1.22 16.46 8.39
N GLU A 136 -2.18 17.16 8.98
CA GLU A 136 -2.43 18.57 8.69
C GLU A 136 -2.82 18.84 7.24
N GLY A 137 -4.10 18.65 6.95
CA GLY A 137 -4.59 18.87 5.60
C GLY A 137 -6.06 18.49 5.48
N ASN B 24 -20.26 5.57 2.42
CA ASN B 24 -19.87 4.79 1.26
C ASN B 24 -18.69 5.33 0.46
N GLY B 25 -17.66 5.80 1.15
CA GLY B 25 -16.49 6.31 0.43
C GLY B 25 -16.26 7.80 0.49
N ALA B 26 -15.51 8.31 -0.48
CA ALA B 26 -15.19 9.73 -0.55
C ALA B 26 -15.35 10.24 -1.97
N ARG B 27 -15.45 11.56 -2.12
CA ARG B 27 -15.65 12.13 -3.45
C ARG B 27 -14.38 12.50 -4.19
N LYS B 28 -13.24 12.54 -3.51
CA LYS B 28 -11.98 12.88 -4.16
C LYS B 28 -10.89 11.87 -3.79
N TRP B 29 -10.17 11.39 -4.79
CA TRP B 29 -9.10 10.39 -4.59
C TRP B 29 -7.83 10.83 -5.30
N PHE B 30 -6.68 10.55 -4.68
CA PHE B 30 -5.39 10.96 -5.21
C PHE B 30 -4.35 9.86 -5.22
N PHE B 31 -3.62 9.75 -6.33
CA PHE B 31 -2.57 8.75 -6.50
C PHE B 31 -1.35 9.43 -7.12
N PRO B 32 -0.35 9.74 -6.29
CA PRO B 32 0.87 10.41 -6.79
C PRO B 32 1.76 9.63 -7.76
N ASP B 33 1.87 8.31 -7.59
CA ASP B 33 2.76 7.53 -8.46
C ASP B 33 2.10 6.83 -9.64
N GLY B 34 2.00 7.55 -10.76
CA GLY B 34 1.43 6.98 -11.96
C GLY B 34 2.54 6.80 -12.99
N TYR B 35 2.53 5.66 -13.68
CA TYR B 35 3.54 5.37 -14.69
C TYR B 35 3.15 4.10 -15.43
N ILE B 36 3.01 4.20 -16.74
CA ILE B 36 2.66 3.04 -17.56
C ILE B 36 3.94 2.46 -18.16
N PRO B 37 4.38 1.28 -17.68
CA PRO B 37 5.61 0.67 -18.22
C PRO B 37 5.32 0.21 -19.65
N ASN B 38 6.36 -0.02 -20.45
CA ASN B 38 6.14 -0.43 -21.84
C ASN B 38 6.46 -1.89 -22.16
N GLY B 39 6.88 -2.66 -21.16
CA GLY B 39 7.21 -4.05 -21.42
C GLY B 39 6.01 -4.97 -21.55
N LYS B 40 6.21 -6.10 -22.21
CA LYS B 40 5.13 -7.07 -22.38
C LYS B 40 5.68 -8.48 -22.39
N ARG B 41 4.80 -9.45 -22.16
CA ARG B 41 5.16 -10.86 -22.16
C ARG B 41 4.01 -11.58 -22.84
N GLY B 42 4.23 -12.01 -24.07
CA GLY B 42 3.17 -12.67 -24.80
C GLY B 42 2.12 -11.61 -25.08
N TYR B 43 0.88 -11.87 -24.68
CA TYR B 43 -0.19 -10.91 -24.89
C TYR B 43 -0.47 -10.09 -23.64
N LEU B 44 0.32 -10.32 -22.60
CA LEU B 44 0.17 -9.58 -21.35
C LEU B 44 1.07 -8.35 -21.41
N VAL B 45 0.44 -7.16 -21.37
CA VAL B 45 1.21 -5.92 -21.43
C VAL B 45 1.21 -5.18 -20.10
N SER B 46 2.29 -4.46 -19.82
CA SER B 46 2.40 -3.69 -18.60
C SER B 46 1.28 -2.66 -18.59
N HIS B 47 0.75 -2.35 -17.42
CA HIS B 47 -0.33 -1.38 -17.34
C HIS B 47 -0.60 -0.99 -15.91
N GLU B 48 -1.51 -0.05 -15.76
CA GLU B 48 -1.95 0.37 -14.45
C GLU B 48 -3.46 0.30 -14.51
N SER B 49 -4.06 -0.12 -13.41
CA SER B 49 -5.51 -0.22 -13.34
C SER B 49 -5.99 0.65 -12.18
N LEU B 50 -6.84 1.60 -12.50
CA LEU B 50 -7.43 2.47 -11.49
C LEU B 50 -8.75 1.78 -11.18
N CYS B 51 -8.80 1.14 -10.02
CA CYS B 51 -10.00 0.41 -9.61
C CYS B 51 -10.90 1.27 -8.77
N ILE B 52 -12.16 1.34 -9.18
CA ILE B 52 -13.18 2.14 -8.52
C ILE B 52 -14.38 1.30 -8.16
N ASN B 54 -18.44 1.54 -6.45
CA ASN B 54 -19.56 2.39 -6.09
C ASN B 54 -20.55 1.54 -5.32
N THR B 55 -20.66 1.77 -4.01
CA THR B 55 -21.58 1.00 -3.18
C THR B 55 -22.85 1.80 -2.91
N GLY B 56 -23.00 2.94 -3.57
CA GLY B 56 -24.17 3.77 -3.39
C GLY B 56 -25.34 3.37 -4.26
N ASP B 57 -26.39 4.19 -4.26
CA ASP B 57 -27.58 3.92 -5.05
C ASP B 57 -27.67 4.84 -6.27
N GLU B 58 -26.67 5.69 -6.44
CA GLU B 58 -26.63 6.64 -7.55
C GLU B 58 -25.44 6.37 -8.46
N THR B 59 -25.62 6.58 -9.76
CA THR B 59 -24.53 6.39 -10.71
C THR B 59 -23.49 7.49 -10.46
N ALA B 60 -22.21 7.11 -10.49
CA ALA B 60 -21.15 8.06 -10.25
C ALA B 60 -20.52 8.58 -11.54
N LYS B 61 -20.39 9.90 -11.63
CA LYS B 61 -19.75 10.54 -12.77
C LYS B 61 -18.42 11.00 -12.21
N ILE B 62 -17.34 10.46 -12.75
CA ILE B 62 -16.02 10.78 -12.24
C ILE B 62 -15.11 11.47 -13.25
N ARG B 63 -14.53 12.58 -12.82
CA ARG B 63 -13.61 13.35 -13.63
C ARG B 63 -12.21 12.96 -13.15
N ILE B 64 -11.42 12.38 -14.04
CA ILE B 64 -10.08 11.95 -13.70
C ILE B 64 -9.03 12.88 -14.31
N THR B 65 -8.33 13.60 -13.46
CA THR B 65 -7.31 14.55 -13.91
C THR B 65 -5.92 13.96 -13.79
N PHE B 66 -5.17 14.00 -14.89
CA PHE B 66 -3.81 13.49 -14.91
C PHE B 66 -2.84 14.66 -14.91
N LEU B 67 -1.93 14.67 -13.93
CA LEU B 67 -0.93 15.72 -13.82
C LEU B 67 0.40 15.15 -14.25
N PHE B 68 1.22 15.98 -14.89
CA PHE B 68 2.52 15.54 -15.36
C PHE B 68 3.64 16.37 -14.76
N GLU B 69 4.89 16.00 -15.04
CA GLU B 69 6.03 16.72 -14.49
C GLU B 69 6.30 18.05 -15.20
N ASP B 70 6.16 18.05 -16.52
CA ASP B 70 6.42 19.25 -17.32
C ASP B 70 5.44 19.46 -18.47
N SER B 71 4.21 18.97 -18.29
CA SER B 71 3.15 19.10 -19.29
C SER B 71 1.90 19.51 -18.53
N LYS B 72 0.93 20.09 -19.25
CA LYS B 72 -0.31 20.50 -18.61
C LYS B 72 -1.24 19.31 -18.37
N PRO B 73 -2.22 19.47 -17.47
CA PRO B 73 -3.17 18.40 -17.14
C PRO B 73 -4.05 17.91 -18.29
N VAL B 74 -4.46 16.66 -18.18
CA VAL B 74 -5.36 16.04 -19.15
C VAL B 74 -6.49 15.46 -18.31
N VAL B 75 -7.73 15.70 -18.72
CA VAL B 75 -8.86 15.21 -17.95
C VAL B 75 -9.74 14.23 -18.72
N HIS B 76 -10.03 13.09 -18.10
CA HIS B 76 -10.89 12.08 -18.69
C HIS B 76 -12.13 11.93 -17.83
N GLU B 77 -13.14 11.27 -18.37
CA GLU B 77 -14.40 11.07 -17.64
C GLU B 77 -14.90 9.64 -17.75
N VAL B 78 -15.38 9.10 -16.65
CA VAL B 78 -15.93 7.76 -16.63
C VAL B 78 -17.15 7.74 -15.72
N GLU B 79 -17.95 6.69 -15.85
CA GLU B 79 -19.13 6.54 -15.03
C GLU B 79 -19.16 5.12 -14.49
N ILE B 80 -19.71 4.97 -13.30
CA ILE B 80 -19.83 3.66 -12.67
C ILE B 80 -21.20 3.56 -12.03
N SER B 81 -21.93 2.53 -12.43
CA SER B 81 -23.28 2.29 -11.93
C SER B 81 -23.32 1.87 -10.47
N PRO B 82 -24.49 1.98 -9.83
CA PRO B 82 -24.66 1.61 -8.43
C PRO B 82 -24.30 0.15 -8.17
N LYS B 84 -21.49 -1.49 -8.32
CA LYS B 84 -20.65 -2.07 -9.37
C LYS B 84 -19.19 -1.74 -9.14
N SER B 85 -18.33 -2.51 -9.79
CA SER B 85 -16.88 -2.33 -9.74
C SER B 85 -16.44 -1.90 -11.13
N LEU B 86 -15.33 -1.17 -11.20
CA LEU B 86 -14.79 -0.75 -12.48
C LEU B 86 -13.27 -0.73 -12.38
N HIS B 87 -12.61 -1.61 -13.14
CA HIS B 87 -11.15 -1.66 -13.16
C HIS B 87 -10.74 -0.97 -14.43
N LEU B 88 -10.47 0.33 -14.33
CA LEU B 88 -10.10 1.14 -15.49
C LEU B 88 -8.65 0.99 -15.92
N ARG B 89 -8.46 0.51 -17.16
CA ARG B 89 -7.13 0.33 -17.72
C ARG B 89 -6.61 1.67 -18.19
N LEU B 90 -5.65 2.22 -17.46
CA LEU B 90 -5.09 3.52 -17.77
C LEU B 90 -4.20 3.56 -19.01
N ASP B 91 -3.75 2.40 -19.46
CA ASP B 91 -2.88 2.31 -20.63
C ASP B 91 -3.67 2.43 -21.93
N LYS B 92 -4.98 2.58 -21.82
CA LYS B 92 -5.85 2.71 -22.98
C LYS B 92 -6.49 4.08 -23.09
N LEU B 93 -5.89 5.09 -22.47
CA LEU B 93 -6.43 6.44 -22.48
C LEU B 93 -5.62 7.44 -23.30
N GLY B 94 -4.58 6.96 -23.99
CA GLY B 94 -3.76 7.86 -24.79
C GLY B 94 -2.67 8.52 -23.97
N ILE B 95 -2.49 8.07 -22.74
CA ILE B 95 -1.44 8.62 -21.88
C ILE B 95 -0.11 8.07 -22.39
N PRO B 96 0.87 8.95 -22.60
CA PRO B 96 2.18 8.49 -23.08
C PRO B 96 2.79 7.44 -22.15
N LYS B 97 3.27 6.35 -22.73
CA LYS B 97 3.89 5.30 -21.93
C LYS B 97 5.22 5.82 -21.39
N CYS B 98 5.67 5.24 -20.29
CA CYS B 98 6.92 5.63 -19.67
C CYS B 98 7.03 7.12 -19.37
N LYS B 99 5.91 7.72 -18.95
CA LYS B 99 5.87 9.13 -18.61
C LYS B 99 5.25 9.25 -17.22
N PRO B 100 6.03 9.71 -16.24
CA PRO B 100 5.51 9.86 -14.88
C PRO B 100 4.32 10.80 -14.81
N TYR B 101 3.35 10.45 -13.97
CA TYR B 101 2.17 11.29 -13.80
C TYR B 101 1.55 11.03 -12.43
N SER B 102 0.53 11.81 -12.11
CA SER B 102 -0.19 11.66 -10.85
C SER B 102 -1.67 11.76 -11.18
N ILE B 103 -2.51 11.21 -10.31
CA ILE B 103 -3.94 11.20 -10.56
C ILE B 103 -4.78 11.86 -9.48
N ALA B 105 -8.88 12.22 -8.84
CA ALA B 105 -10.18 11.82 -9.35
C ALA B 105 -11.25 12.46 -8.48
N GLU B 106 -12.23 13.05 -9.14
CA GLU B 106 -13.32 13.73 -8.45
C GLU B 106 -14.66 13.15 -8.89
N SER B 107 -15.44 12.69 -7.94
CA SER B 107 -16.74 12.09 -8.22
C SER B 107 -17.87 12.91 -7.62
N ASN B 108 -19.05 12.83 -8.24
CA ASN B 108 -20.21 13.56 -7.74
C ASN B 108 -20.84 12.82 -6.56
N VAL B 109 -20.49 11.55 -6.40
CA VAL B 109 -20.98 10.74 -5.29
C VAL B 109 -19.83 9.94 -4.69
N PRO B 110 -19.94 9.56 -3.41
CA PRO B 110 -18.87 8.79 -2.76
C PRO B 110 -18.51 7.47 -3.44
N VAL B 111 -17.21 7.23 -3.60
CA VAL B 111 -16.70 5.99 -4.19
C VAL B 111 -15.38 5.67 -3.47
N VAL B 112 -14.78 4.53 -3.80
CA VAL B 112 -13.51 4.15 -3.20
C VAL B 112 -12.59 3.75 -4.34
N GLN B 114 -8.48 2.44 -5.75
CA GLN B 114 -7.20 1.77 -5.51
C GLN B 114 -6.44 1.73 -6.83
N LEU B 115 -5.13 1.96 -6.80
CA LEU B 115 -4.33 1.94 -8.02
C LEU B 115 -3.30 0.81 -7.97
N SER B 116 -3.27 0.01 -9.02
CA SER B 116 -2.32 -1.09 -9.09
C SER B 116 -1.56 -1.04 -10.39
N ARG B 117 -0.30 -1.46 -10.34
CA ARG B 117 0.53 -1.46 -11.52
C ARG B 117 1.11 -2.85 -11.77
N LEU B 118 1.08 -3.26 -13.04
CA LEU B 118 1.67 -4.53 -13.45
C LEU B 118 2.83 -4.13 -14.35
N ASP B 119 4.04 -4.47 -13.94
CA ASP B 119 5.24 -4.16 -14.71
C ASP B 119 5.76 -5.52 -15.15
N VAL B 120 5.63 -5.81 -16.44
CA VAL B 120 6.06 -7.10 -16.98
C VAL B 120 6.96 -6.96 -18.19
N GLY B 121 7.75 -7.99 -18.42
CA GLY B 121 8.65 -8.00 -19.56
C GLY B 121 9.05 -9.45 -19.81
N LYS B 122 9.96 -9.66 -20.74
CA LYS B 122 10.40 -11.02 -21.05
C LYS B 122 10.96 -11.71 -19.81
N ASN B 123 11.69 -10.97 -18.98
CA ASN B 123 12.32 -11.55 -17.81
C ASN B 123 11.91 -11.03 -16.44
N HIS B 124 10.75 -10.38 -16.37
CA HIS B 124 10.26 -9.89 -15.07
C HIS B 124 8.75 -9.78 -15.07
N TYR B 125 8.17 -9.79 -13.87
CA TYR B 125 6.73 -9.72 -13.70
C TYR B 125 6.49 -9.32 -12.24
N THR B 126 5.97 -8.11 -12.03
CA THR B 126 5.74 -7.66 -10.67
C THR B 126 4.52 -6.77 -10.53
N LEU B 127 3.89 -6.83 -9.35
CA LEU B 127 2.71 -6.04 -9.03
C LEU B 127 2.95 -5.18 -7.81
N THR B 129 0.53 -2.11 -5.34
CA THR B 129 -0.78 -1.49 -5.23
C THR B 129 -0.91 -0.67 -3.97
N THR B 130 -1.88 0.24 -3.99
CA THR B 130 -2.18 1.02 -2.80
C THR B 130 -3.55 1.66 -2.88
N ILE B 131 -4.19 1.72 -1.73
CA ILE B 131 -5.48 2.39 -1.62
C ILE B 131 -5.01 3.85 -1.78
N GLY B 132 -5.86 4.72 -2.30
CA GLY B 132 -5.41 6.09 -2.47
C GLY B 132 -5.63 6.97 -1.26
N TYR B 133 -5.21 8.23 -1.38
CA TYR B 133 -5.44 9.21 -0.33
C TYR B 133 -6.82 9.74 -0.71
N TRP B 134 -7.65 10.03 0.29
CA TRP B 134 -9.00 10.49 0.01
C TRP B 134 -9.41 11.72 0.80
N GLU B 135 -10.45 12.39 0.32
CA GLU B 135 -11.00 13.54 1.03
C GLU B 135 -12.36 13.91 0.44
N GLU B 136 -13.08 14.78 1.14
CA GLU B 136 -14.40 15.24 0.72
C GLU B 136 -15.46 14.17 0.99
N GLY B 137 -16.15 14.30 2.12
CA GLY B 137 -17.19 13.35 2.48
C GLY B 137 -16.63 11.96 2.69
N SER B 138 -15.63 11.85 3.57
CA SER B 138 -15.01 10.58 3.87
C SER B 138 -15.94 9.65 4.65
N ASN C 24 -10.71 -0.44 18.97
CA ASN C 24 -9.71 -0.41 17.90
C ASN C 24 -10.25 -0.95 16.59
N GLY C 25 -10.17 -0.13 15.53
CA GLY C 25 -10.65 -0.56 14.24
C GLY C 25 -11.83 0.23 13.71
N ALA C 26 -12.40 -0.27 12.62
CA ALA C 26 -13.55 0.37 11.98
C ALA C 26 -14.55 -0.72 11.61
N ARG C 27 -15.81 -0.33 11.43
CA ARG C 27 -16.84 -1.30 11.10
C ARG C 27 -17.02 -1.59 9.62
N LYS C 28 -16.50 -0.72 8.75
CA LYS C 28 -16.63 -0.93 7.32
C LYS C 28 -15.28 -0.79 6.61
N TRP C 29 -15.00 -1.74 5.72
CA TRP C 29 -13.73 -1.75 4.97
C TRP C 29 -13.99 -1.94 3.49
N PHE C 30 -13.19 -1.28 2.66
CA PHE C 30 -13.36 -1.32 1.21
C PHE C 30 -12.06 -1.58 0.46
N PHE C 31 -12.13 -2.47 -0.54
CA PHE C 31 -10.97 -2.82 -1.37
C PHE C 31 -11.43 -2.85 -2.81
N PRO C 32 -11.12 -1.79 -3.58
CA PRO C 32 -11.53 -1.72 -4.97
C PRO C 32 -10.91 -2.71 -5.96
N ASP C 33 -9.64 -3.08 -5.76
CA ASP C 33 -8.99 -3.98 -6.70
C ASP C 33 -8.96 -5.44 -6.31
N GLY C 34 -10.00 -6.16 -6.71
CA GLY C 34 -10.08 -7.58 -6.42
C GLY C 34 -9.93 -8.37 -7.71
N TYR C 35 -9.16 -9.44 -7.66
CA TYR C 35 -8.96 -10.27 -8.85
C TYR C 35 -8.22 -11.54 -8.44
N ILE C 36 -8.78 -12.69 -8.79
CA ILE C 36 -8.15 -13.96 -8.47
C ILE C 36 -7.48 -14.50 -9.73
N PRO C 37 -6.14 -14.47 -9.81
CA PRO C 37 -5.43 -14.98 -10.98
C PRO C 37 -5.60 -16.50 -11.05
N ASN C 38 -5.32 -17.09 -12.21
CA ASN C 38 -5.49 -18.53 -12.36
C ASN C 38 -4.21 -19.36 -12.40
N GLY C 39 -3.06 -18.71 -12.31
CA GLY C 39 -1.80 -19.42 -12.37
C GLY C 39 -1.47 -20.22 -11.12
N LYS C 40 -0.68 -21.28 -11.29
CA LYS C 40 -0.26 -22.14 -10.19
C LYS C 40 1.19 -22.58 -10.39
N ARG C 41 1.82 -23.00 -9.30
CA ARG C 41 3.20 -23.49 -9.33
C ARG C 41 3.34 -24.49 -8.19
N GLY C 42 3.19 -25.78 -8.51
CA GLY C 42 3.29 -26.80 -7.47
C GLY C 42 2.18 -26.59 -6.45
N TYR C 43 2.57 -26.47 -5.19
CA TYR C 43 1.60 -26.26 -4.11
C TYR C 43 1.05 -24.84 -4.11
N LEU C 44 1.76 -23.94 -4.79
CA LEU C 44 1.37 -22.54 -4.85
C LEU C 44 0.24 -22.28 -5.84
N VAL C 45 -0.79 -21.58 -5.38
CA VAL C 45 -1.94 -21.24 -6.21
C VAL C 45 -2.19 -19.75 -6.09
N SER C 46 -2.41 -19.08 -7.23
CA SER C 46 -2.68 -17.65 -7.18
C SER C 46 -3.92 -17.44 -6.35
N HIS C 47 -3.95 -16.36 -5.57
CA HIS C 47 -5.10 -16.10 -4.73
C HIS C 47 -5.04 -14.72 -4.14
N GLU C 48 -6.08 -14.38 -3.38
CA GLU C 48 -6.11 -13.12 -2.66
C GLU C 48 -6.50 -13.51 -1.25
N SER C 49 -5.88 -12.86 -0.29
CA SER C 49 -6.19 -13.13 1.10
C SER C 49 -6.72 -11.86 1.74
N LEU C 50 -7.94 -11.92 2.24
CA LEU C 50 -8.54 -10.79 2.92
C LEU C 50 -8.22 -11.07 4.39
N CYS C 51 -7.28 -10.30 4.92
CA CYS C 51 -6.84 -10.49 6.29
C CYS C 51 -7.58 -9.56 7.22
N ILE C 52 -8.14 -10.16 8.27
CA ILE C 52 -8.94 -9.45 9.24
C ILE C 52 -8.43 -9.71 10.64
N ASN C 54 -9.25 -8.92 14.87
CA ASN C 54 -10.24 -8.50 15.85
C ASN C 54 -9.53 -8.35 17.20
N THR C 55 -9.34 -7.12 17.64
CA THR C 55 -8.66 -6.87 18.91
C THR C 55 -9.67 -6.59 20.02
N GLY C 56 -10.95 -6.77 19.70
CA GLY C 56 -12.00 -6.53 20.67
C GLY C 56 -12.29 -7.72 21.57
N ASP C 57 -13.33 -7.60 22.37
CA ASP C 57 -13.73 -8.64 23.31
C ASP C 57 -14.92 -9.48 22.83
N GLU C 58 -15.54 -9.06 21.72
CA GLU C 58 -16.69 -9.76 21.18
C GLU C 58 -16.43 -10.32 19.79
N THR C 59 -16.97 -11.51 19.51
CA THR C 59 -16.80 -12.14 18.21
C THR C 59 -17.35 -11.18 17.15
N ALA C 60 -16.63 -11.05 16.04
CA ALA C 60 -17.07 -10.17 14.97
C ALA C 60 -17.81 -10.95 13.90
N LYS C 61 -18.99 -10.45 13.54
CA LYS C 61 -19.80 -11.06 12.49
C LYS C 61 -19.61 -10.13 11.30
N ILE C 62 -19.00 -10.64 10.24
CA ILE C 62 -18.72 -9.82 9.08
C ILE C 62 -19.40 -10.26 7.79
N ARG C 63 -20.08 -9.30 7.17
CA ARG C 63 -20.78 -9.50 5.91
C ARG C 63 -19.82 -8.99 4.84
N ILE C 64 -19.43 -9.85 3.91
CA ILE C 64 -18.51 -9.45 2.86
C ILE C 64 -19.24 -9.42 1.52
N THR C 65 -19.35 -8.22 0.94
CA THR C 65 -20.03 -8.03 -0.32
C THR C 65 -19.04 -7.89 -1.47
N PHE C 66 -19.24 -8.69 -2.50
CA PHE C 66 -18.38 -8.64 -3.68
C PHE C 66 -19.15 -7.97 -4.80
N LEU C 67 -18.56 -6.92 -5.38
CA LEU C 67 -19.19 -6.18 -6.47
C LEU C 67 -18.43 -6.52 -7.74
N PHE C 68 -19.14 -6.59 -8.86
CA PHE C 68 -18.52 -6.93 -10.13
C PHE C 68 -18.75 -5.82 -11.16
N GLU C 69 -18.15 -5.97 -12.34
CA GLU C 69 -18.29 -4.93 -13.35
C GLU C 69 -19.62 -4.99 -14.10
N ASP C 70 -20.10 -6.20 -14.37
CA ASP C 70 -21.35 -6.38 -15.11
C ASP C 70 -22.21 -7.52 -14.56
N SER C 71 -22.09 -7.77 -13.27
CA SER C 71 -22.86 -8.82 -12.60
C SER C 71 -23.36 -8.26 -11.27
N LYS C 72 -24.37 -8.89 -10.70
CA LYS C 72 -24.92 -8.45 -9.42
C LYS C 72 -24.02 -8.88 -8.27
N PRO C 73 -24.16 -8.22 -7.10
CA PRO C 73 -23.33 -8.54 -5.94
C PRO C 73 -23.54 -9.94 -5.36
N VAL C 74 -22.52 -10.44 -4.68
CA VAL C 74 -22.58 -11.73 -4.03
C VAL C 74 -22.11 -11.45 -2.61
N VAL C 75 -22.84 -11.95 -1.63
CA VAL C 75 -22.48 -11.70 -0.23
C VAL C 75 -22.16 -12.95 0.55
N HIS C 76 -21.04 -12.91 1.27
CA HIS C 76 -20.60 -14.01 2.10
C HIS C 76 -20.54 -13.53 3.54
N GLU C 77 -20.47 -14.47 4.48
CA GLU C 77 -20.38 -14.13 5.89
C GLU C 77 -19.29 -14.93 6.57
N VAL C 78 -18.59 -14.27 7.49
CA VAL C 78 -17.54 -14.92 8.24
C VAL C 78 -17.57 -14.38 9.66
N GLU C 79 -16.91 -15.09 10.57
CA GLU C 79 -16.83 -14.67 11.96
C GLU C 79 -15.38 -14.76 12.40
N ILE C 80 -15.00 -13.89 13.32
CA ILE C 80 -13.65 -13.89 13.85
C ILE C 80 -13.72 -13.67 15.35
N SER C 81 -13.15 -14.61 16.09
CA SER C 81 -13.14 -14.58 17.55
C SER C 81 -12.31 -13.44 18.10
N PRO C 82 -12.53 -13.08 19.38
CA PRO C 82 -11.79 -12.00 20.02
C PRO C 82 -10.29 -12.26 20.08
N LYS C 84 -8.04 -12.46 17.74
CA LYS C 84 -7.62 -13.45 16.76
C LYS C 84 -7.44 -12.81 15.40
N SER C 85 -6.69 -13.51 14.54
CA SER C 85 -6.41 -13.09 13.17
C SER C 85 -7.16 -14.06 12.27
N LEU C 86 -7.48 -13.63 11.06
CA LEU C 86 -8.15 -14.49 10.09
C LEU C 86 -7.68 -14.09 8.71
N HIS C 87 -6.94 -14.99 8.06
CA HIS C 87 -6.46 -14.74 6.70
C HIS C 87 -7.42 -15.51 5.79
N LEU C 88 -8.45 -14.82 5.32
CA LEU C 88 -9.47 -15.43 4.48
C LEU C 88 -9.06 -15.61 3.01
N ARG C 89 -9.02 -16.87 2.57
CA ARG C 89 -8.67 -17.17 1.19
C ARG C 89 -9.88 -16.94 0.30
N LEU C 90 -9.84 -15.87 -0.48
CA LEU C 90 -10.94 -15.50 -1.34
C LEU C 90 -11.14 -16.41 -2.55
N ASP C 91 -10.13 -17.20 -2.86
CA ASP C 91 -10.20 -18.12 -4.00
C ASP C 91 -10.97 -19.40 -3.66
N LYS C 92 -11.45 -19.49 -2.43
CA LYS C 92 -12.20 -20.65 -1.97
C LYS C 92 -13.67 -20.32 -1.69
N LEU C 93 -14.17 -19.27 -2.31
CA LEU C 93 -15.55 -18.85 -2.09
C LEU C 93 -16.47 -18.97 -3.31
N GLY C 94 -15.98 -19.60 -4.37
CA GLY C 94 -16.79 -19.76 -5.56
C GLY C 94 -16.77 -18.56 -6.48
N ILE C 95 -15.91 -17.58 -6.17
CA ILE C 95 -15.80 -16.40 -7.00
C ILE C 95 -15.10 -16.80 -8.30
N PRO C 96 -15.67 -16.40 -9.45
CA PRO C 96 -15.04 -16.76 -10.72
C PRO C 96 -13.61 -16.24 -10.78
N LYS C 97 -12.69 -17.08 -11.25
CA LYS C 97 -11.30 -16.66 -11.37
C LYS C 97 -11.19 -15.73 -12.57
N CYS C 98 -10.15 -14.89 -12.55
CA CYS C 98 -9.90 -13.95 -13.62
C CYS C 98 -11.10 -13.05 -13.94
N LYS C 99 -11.79 -12.64 -12.88
CA LYS C 99 -12.94 -11.76 -13.02
C LYS C 99 -12.77 -10.62 -12.03
N PRO C 100 -12.61 -9.39 -12.54
CA PRO C 100 -12.44 -8.24 -11.64
C PRO C 100 -13.63 -8.02 -10.71
N TYR C 101 -13.32 -7.61 -9.48
CA TYR C 101 -14.35 -7.35 -8.50
C TYR C 101 -13.83 -6.37 -7.46
N SER C 102 -14.70 -5.97 -6.54
CA SER C 102 -14.34 -5.07 -5.46
C SER C 102 -14.98 -5.62 -4.20
N ILE C 103 -14.45 -5.26 -3.05
CA ILE C 103 -14.95 -5.78 -1.79
C ILE C 103 -15.38 -4.71 -0.81
N ALA C 105 -16.72 -4.77 3.16
CA ALA C 105 -16.93 -5.65 4.29
C ALA C 105 -17.53 -4.83 5.43
N GLU C 106 -18.57 -5.37 6.04
CA GLU C 106 -19.25 -4.69 7.14
C GLU C 106 -19.28 -5.58 8.37
N SER C 107 -18.74 -5.07 9.48
CA SER C 107 -18.68 -5.81 10.72
C SER C 107 -19.57 -5.19 11.80
N ASN C 108 -20.06 -6.02 12.72
CA ASN C 108 -20.91 -5.50 13.80
C ASN C 108 -20.06 -4.85 14.88
N VAL C 109 -18.76 -5.15 14.86
CA VAL C 109 -17.81 -4.59 15.82
C VAL C 109 -16.57 -4.14 15.05
N PRO C 110 -15.82 -3.18 15.61
CA PRO C 110 -14.62 -2.69 14.94
C PRO C 110 -13.55 -3.77 14.68
N VAL C 111 -12.98 -3.74 13.48
CA VAL C 111 -11.91 -4.67 13.09
C VAL C 111 -10.98 -3.91 12.15
N VAL C 112 -9.91 -4.56 11.71
CA VAL C 112 -8.98 -3.94 10.77
C VAL C 112 -8.75 -4.94 9.65
N GLN C 114 -6.86 -5.90 5.63
CA GLN C 114 -5.81 -5.70 4.63
C GLN C 114 -6.02 -6.75 3.54
N LEU C 115 -5.80 -6.36 2.28
CA LEU C 115 -5.98 -7.30 1.17
C LEU C 115 -4.65 -7.49 0.43
N SER C 116 -4.28 -8.76 0.24
CA SER C 116 -3.04 -9.07 -0.45
C SER C 116 -3.29 -10.07 -1.57
N ARG C 117 -2.55 -9.92 -2.65
CA ARG C 117 -2.71 -10.81 -3.78
C ARG C 117 -1.40 -11.49 -4.14
N LEU C 118 -1.48 -12.80 -4.41
CA LEU C 118 -0.34 -13.56 -4.86
C LEU C 118 -0.66 -13.97 -6.29
N ASP C 119 0.14 -13.51 -7.24
CA ASP C 119 -0.05 -13.84 -8.63
C ASP C 119 1.16 -14.71 -8.94
N VAL C 120 0.92 -16.01 -9.12
CA VAL C 120 2.00 -16.94 -9.38
C VAL C 120 1.72 -17.83 -10.58
N GLY C 121 2.80 -18.25 -11.24
CA GLY C 121 2.66 -19.11 -12.40
C GLY C 121 3.98 -19.83 -12.61
N LYS C 122 4.09 -20.54 -13.72
CA LYS C 122 5.31 -21.28 -14.02
C LYS C 122 6.53 -20.36 -14.03
N ASN C 123 6.37 -19.16 -14.59
CA ASN C 123 7.48 -18.22 -14.70
C ASN C 123 7.37 -16.89 -13.98
N HIS C 124 6.51 -16.80 -12.98
CA HIS C 124 6.38 -15.57 -12.22
C HIS C 124 5.86 -15.84 -10.81
N TYR C 125 6.09 -14.88 -9.91
CA TYR C 125 5.66 -14.99 -8.53
C TYR C 125 5.75 -13.58 -7.97
N THR C 126 4.60 -12.96 -7.69
CA THR C 126 4.61 -11.62 -7.17
C THR C 126 3.49 -11.34 -6.17
N LEU C 127 3.79 -10.45 -5.23
CA LEU C 127 2.85 -10.07 -4.18
C LEU C 127 2.57 -8.56 -4.20
N THR C 129 -0.03 -5.60 -1.80
CA THR C 129 -0.92 -5.50 -0.66
C THR C 129 -1.25 -4.06 -0.32
N THR C 130 -2.35 -3.89 0.40
CA THR C 130 -2.72 -2.58 0.88
C THR C 130 -3.71 -2.67 2.02
N ILE C 131 -3.58 -1.74 2.95
CA ILE C 131 -4.51 -1.63 4.05
C ILE C 131 -5.73 -1.10 3.29
N GLY C 132 -6.94 -1.36 3.78
CA GLY C 132 -8.09 -0.87 3.04
C GLY C 132 -8.54 0.52 3.43
N TYR C 133 -9.57 1.01 2.73
CA TYR C 133 -10.15 2.30 3.06
C TYR C 133 -11.16 1.91 4.14
N TRP C 134 -11.31 2.74 5.16
CA TRP C 134 -12.22 2.43 6.25
C TRP C 134 -13.16 3.56 6.60
N GLU C 135 -14.24 3.21 7.27
CA GLU C 135 -15.18 4.22 7.77
C GLU C 135 -16.00 3.62 8.91
N GLU C 136 -16.57 4.51 9.72
CA GLU C 136 -17.35 4.10 10.88
C GLU C 136 -16.37 3.42 11.85
N GLY C 137 -15.25 4.09 12.08
CA GLY C 137 -14.23 3.55 12.98
C GLY C 137 -13.78 4.56 14.02
N SER C 138 -13.44 4.07 15.21
CA SER C 138 -12.98 4.93 16.30
C SER C 138 -11.57 5.46 16.08
N HIS D 22 3.37 20.38 18.64
CA HIS D 22 2.47 19.40 17.98
C HIS D 22 3.29 18.17 17.57
N ASN D 24 3.81 14.29 15.73
CA ASN D 24 3.45 13.63 14.47
C ASN D 24 3.21 12.14 14.65
N GLY D 25 2.15 11.64 14.03
CA GLY D 25 1.87 10.22 14.11
C GLY D 25 0.67 9.85 14.96
N ALA D 26 0.61 8.56 15.29
CA ALA D 26 -0.48 8.02 16.10
C ALA D 26 0.08 7.04 17.12
N ARG D 27 -0.66 6.81 18.20
CA ARG D 27 -0.19 5.90 19.23
C ARG D 27 -0.52 4.42 18.99
N LYS D 28 -1.43 4.13 18.07
CA LYS D 28 -1.79 2.76 17.80
C LYS D 28 -1.78 2.45 16.30
N TRP D 29 -1.14 1.33 15.95
CA TRP D 29 -1.04 0.91 14.55
C TRP D 29 -1.44 -0.55 14.40
N PHE D 30 -2.07 -0.87 13.26
CA PHE D 30 -2.58 -2.21 12.99
C PHE D 30 -2.24 -2.73 11.60
N PHE D 31 -1.78 -3.98 11.54
CA PHE D 31 -1.41 -4.63 10.29
C PHE D 31 -2.01 -6.03 10.27
N PRO D 32 -3.14 -6.20 9.57
CA PRO D 32 -3.79 -7.52 9.51
C PRO D 32 -3.04 -8.66 8.83
N ASP D 33 -2.27 -8.38 7.78
CA ASP D 33 -1.59 -9.45 7.08
C ASP D 33 -0.13 -9.69 7.45
N GLY D 34 0.08 -10.55 8.43
CA GLY D 34 1.43 -10.89 8.86
C GLY D 34 1.73 -12.34 8.51
N TYR D 35 2.94 -12.60 8.03
CA TYR D 35 3.34 -13.95 7.66
C TYR D 35 4.82 -13.97 7.34
N ILE D 36 5.57 -14.89 7.97
CA ILE D 36 7.00 -15.00 7.72
C ILE D 36 7.23 -16.21 6.80
N PRO D 37 7.54 -15.97 5.52
CA PRO D 37 7.78 -17.07 4.58
C PRO D 37 9.06 -17.81 4.99
N ASN D 38 9.27 -19.03 4.47
CA ASN D 38 10.45 -19.81 4.85
C ASN D 38 11.57 -19.93 3.82
N GLY D 39 11.45 -19.25 2.69
CA GLY D 39 12.48 -19.36 1.68
C GLY D 39 13.69 -18.46 1.88
N LYS D 40 14.76 -18.73 1.14
CA LYS D 40 15.98 -17.93 1.23
C LYS D 40 16.73 -17.92 -0.10
N ARG D 41 17.65 -16.96 -0.24
CA ARG D 41 18.47 -16.84 -1.44
C ARG D 41 19.73 -16.08 -1.08
N GLY D 42 20.88 -16.76 -1.14
CA GLY D 42 22.13 -16.12 -0.79
C GLY D 42 22.16 -15.63 0.64
N TYR D 43 22.42 -14.34 0.82
CA TYR D 43 22.49 -13.74 2.15
C TYR D 43 21.10 -13.41 2.70
N LEU D 44 20.11 -13.36 1.80
CA LEU D 44 18.75 -13.02 2.21
C LEU D 44 17.84 -14.18 2.59
N VAL D 45 16.97 -13.90 3.55
CA VAL D 45 15.98 -14.88 4.00
C VAL D 45 14.66 -14.13 3.94
N SER D 46 13.58 -14.86 3.68
CA SER D 46 12.26 -14.25 3.63
C SER D 46 11.97 -13.65 5.00
N HIS D 47 11.30 -12.51 5.04
CA HIS D 47 11.01 -11.88 6.31
C HIS D 47 10.00 -10.76 6.15
N GLU D 48 9.68 -10.14 7.28
CA GLU D 48 8.79 -9.00 7.31
C GLU D 48 9.52 -8.00 8.17
N SER D 49 9.42 -6.73 7.78
CA SER D 49 10.06 -5.67 8.53
C SER D 49 8.99 -4.70 8.97
N LEU D 50 8.85 -4.54 10.29
CA LEU D 50 7.88 -3.59 10.82
C LEU D 50 8.72 -2.34 11.00
N CYS D 51 8.48 -1.35 10.14
CA CYS D 51 9.25 -0.12 10.19
C CYS D 51 8.52 0.94 10.98
N ILE D 52 9.24 1.51 11.94
CA ILE D 52 8.69 2.51 12.83
C ILE D 52 9.57 3.76 12.85
N ASN D 54 10.06 7.71 14.73
CA ASN D 54 9.73 8.59 15.85
C ASN D 54 10.30 9.97 15.53
N THR D 55 9.42 10.91 15.23
CA THR D 55 9.85 12.27 14.90
C THR D 55 9.73 13.19 16.11
N GLY D 56 9.38 12.62 17.26
CA GLY D 56 9.20 13.40 18.47
C GLY D 56 10.45 13.63 19.30
N ASP D 57 10.26 14.29 20.45
CA ASP D 57 11.36 14.62 21.34
C ASP D 57 11.52 13.64 22.51
N GLU D 58 10.66 12.63 22.57
CA GLU D 58 10.75 11.65 23.64
C GLU D 58 10.83 10.23 23.07
N THR D 59 11.54 9.37 23.78
CA THR D 59 11.71 7.98 23.37
C THR D 59 10.35 7.29 23.36
N ALA D 60 10.12 6.48 22.33
CA ALA D 60 8.86 5.76 22.22
C ALA D 60 9.02 4.34 22.74
N LYS D 61 8.12 3.95 23.64
CA LYS D 61 8.11 2.60 24.20
C LYS D 61 6.92 1.95 23.52
N ILE D 62 7.20 0.93 22.72
CA ILE D 62 6.15 0.28 21.96
C ILE D 62 5.92 -1.18 22.32
N ARG D 63 4.66 -1.52 22.55
CA ARG D 63 4.24 -2.88 22.87
C ARG D 63 3.65 -3.45 21.59
N ILE D 64 4.25 -4.51 21.08
CA ILE D 64 3.79 -5.13 19.84
C ILE D 64 3.09 -6.46 20.11
N THR D 65 1.80 -6.51 19.80
CA THR D 65 1.01 -7.72 20.02
C THR D 65 0.76 -8.48 18.72
N PHE D 66 1.06 -9.76 18.74
CA PHE D 66 0.86 -10.63 17.59
C PHE D 66 -0.35 -11.51 17.85
N LEU D 67 -1.33 -11.45 16.96
CA LEU D 67 -2.55 -12.25 17.06
C LEU D 67 -2.47 -13.36 16.03
N PHE D 68 -2.97 -14.54 16.38
CA PHE D 68 -2.93 -15.68 15.47
C PHE D 68 -4.33 -16.18 15.15
N GLU D 69 -4.43 -17.15 14.26
CA GLU D 69 -5.73 -17.68 13.88
C GLU D 69 -6.32 -18.65 14.90
N ASP D 70 -5.47 -19.49 15.48
CA ASP D 70 -5.92 -20.48 16.45
C ASP D 70 -5.00 -20.61 17.66
N SER D 71 -4.22 -19.57 17.92
CA SER D 71 -3.29 -19.56 19.05
C SER D 71 -3.49 -18.25 19.79
N LYS D 72 -3.02 -18.20 21.04
CA LYS D 72 -3.14 -17.00 21.83
C LYS D 72 -2.07 -15.99 21.46
N PRO D 73 -2.27 -14.71 21.83
CA PRO D 73 -1.33 -13.63 21.53
C PRO D 73 0.06 -13.76 22.15
N VAL D 74 1.02 -13.14 21.48
CA VAL D 74 2.41 -13.10 21.93
C VAL D 74 2.76 -11.61 21.88
N VAL D 75 3.36 -11.10 22.95
CA VAL D 75 3.69 -9.68 23.01
C VAL D 75 5.18 -9.40 23.16
N HIS D 76 5.68 -8.49 22.32
CA HIS D 76 7.08 -8.09 22.34
C HIS D 76 7.14 -6.60 22.63
N GLU D 77 8.33 -6.12 22.98
CA GLU D 77 8.53 -4.71 23.29
C GLU D 77 9.79 -4.17 22.61
N VAL D 78 9.72 -2.92 22.17
CA VAL D 78 10.86 -2.26 21.53
C VAL D 78 10.83 -0.79 21.91
N GLU D 79 11.96 -0.12 21.74
CA GLU D 79 12.03 1.31 22.04
C GLU D 79 12.72 2.01 20.88
N ILE D 80 12.30 3.25 20.62
CA ILE D 80 12.88 4.02 19.53
C ILE D 80 13.15 5.44 20.01
N SER D 81 14.41 5.84 19.94
CA SER D 81 14.83 7.17 20.37
C SER D 81 14.29 8.28 19.49
N PRO D 82 14.32 9.52 19.99
CA PRO D 82 13.82 10.69 19.24
C PRO D 82 14.51 10.87 17.89
N LYS D 84 14.52 9.07 15.17
CA LYS D 84 15.18 7.86 14.72
C LYS D 84 14.21 6.94 13.98
N SER D 85 14.79 6.03 13.20
CA SER D 85 14.04 5.05 12.45
C SER D 85 14.39 3.68 13.02
N LEU D 86 13.46 2.74 12.88
CA LEU D 86 13.70 1.38 13.35
C LEU D 86 13.02 0.40 12.41
N HIS D 87 13.81 -0.43 11.73
CA HIS D 87 13.25 -1.43 10.83
C HIS D 87 13.36 -2.74 11.60
N LEU D 88 12.28 -3.10 12.29
CA LEU D 88 12.28 -4.32 13.11
C LEU D 88 12.05 -5.60 12.31
N ARG D 89 13.04 -6.50 12.37
CA ARG D 89 12.96 -7.77 11.66
C ARG D 89 12.09 -8.73 12.47
N LEU D 90 10.89 -8.98 11.97
CA LEU D 90 9.94 -9.85 12.65
C LEU D 90 10.30 -11.33 12.61
N ASP D 91 11.20 -11.71 11.72
CA ASP D 91 11.63 -13.10 11.59
C ASP D 91 12.66 -13.48 12.66
N LYS D 92 13.06 -12.51 13.48
CA LYS D 92 14.05 -12.75 14.53
C LYS D 92 13.44 -12.65 15.92
N LEU D 93 12.12 -12.88 16.01
CA LEU D 93 11.44 -12.78 17.29
C LEU D 93 10.88 -14.10 17.84
N GLY D 94 11.21 -15.21 17.20
CA GLY D 94 10.72 -16.49 17.67
C GLY D 94 9.32 -16.81 17.18
N ILE D 95 8.79 -15.98 16.29
CA ILE D 95 7.47 -16.23 15.74
C ILE D 95 7.56 -17.40 14.76
N PRO D 96 6.63 -18.35 14.85
CA PRO D 96 6.69 -19.49 13.92
C PRO D 96 6.64 -19.03 12.47
N LYS D 97 7.45 -19.66 11.62
CA LYS D 97 7.46 -19.33 10.21
C LYS D 97 6.24 -19.97 9.57
N CYS D 98 5.77 -19.39 8.46
CA CYS D 98 4.63 -19.91 7.74
C CYS D 98 3.38 -20.06 8.60
N LYS D 99 3.17 -19.09 9.49
CA LYS D 99 2.02 -19.09 10.38
C LYS D 99 1.39 -17.71 10.29
N PRO D 100 0.18 -17.61 9.73
CA PRO D 100 -0.49 -16.31 9.61
C PRO D 100 -0.71 -15.63 10.95
N TYR D 101 -0.56 -14.31 10.96
CA TYR D 101 -0.76 -13.53 12.17
C TYR D 101 -1.14 -12.11 11.81
N SER D 102 -1.46 -11.31 12.82
CA SER D 102 -1.80 -9.91 12.63
C SER D 102 -1.06 -9.15 13.72
N ILE D 103 -0.84 -7.86 13.49
CA ILE D 103 -0.09 -7.05 14.44
C ILE D 103 -0.83 -5.82 14.95
N ALA D 105 0.16 -2.60 17.37
CA ALA D 105 1.27 -1.94 18.04
C ALA D 105 0.77 -0.75 18.82
N GLU D 106 1.18 -0.64 20.08
CA GLU D 106 0.76 0.46 20.94
C GLU D 106 1.96 1.21 21.49
N SER D 107 2.01 2.51 21.23
CA SER D 107 3.11 3.36 21.66
C SER D 107 2.66 4.40 22.68
N ASN D 108 3.58 4.81 23.55
CA ASN D 108 3.27 5.80 24.57
C ASN D 108 3.27 7.20 23.95
N VAL D 109 3.93 7.33 22.81
CA VAL D 109 3.97 8.61 22.09
C VAL D 109 3.69 8.34 20.61
N PRO D 110 3.21 9.36 19.89
CA PRO D 110 2.90 9.20 18.46
C PRO D 110 4.10 8.76 17.61
N VAL D 111 3.85 7.80 16.73
CA VAL D 111 4.87 7.31 15.80
C VAL D 111 4.15 6.94 14.50
N VAL D 112 4.91 6.53 13.49
CA VAL D 112 4.31 6.13 12.22
C VAL D 112 4.89 4.77 11.88
N GLN D 114 4.93 1.16 9.11
CA GLN D 114 4.72 0.57 7.79
C GLN D 114 5.22 -0.88 7.87
N LEU D 115 4.52 -1.80 7.22
CA LEU D 115 4.93 -3.20 7.23
C LEU D 115 5.25 -3.68 5.82
N SER D 116 6.41 -4.28 5.66
CA SER D 116 6.82 -4.78 4.35
C SER D 116 7.24 -6.23 4.45
N ARG D 117 6.97 -6.98 3.39
CA ARG D 117 7.35 -8.38 3.38
C ARG D 117 8.21 -8.72 2.18
N LEU D 118 9.26 -9.50 2.43
CA LEU D 118 10.13 -9.98 1.37
C LEU D 118 9.92 -11.48 1.33
N ASP D 119 9.43 -11.97 0.21
CA ASP D 119 9.19 -13.40 0.03
C ASP D 119 10.20 -13.81 -1.03
N VAL D 120 11.21 -14.56 -0.62
CA VAL D 120 12.26 -14.96 -1.55
C VAL D 120 12.56 -16.44 -1.50
N GLY D 121 13.08 -16.96 -2.59
CA GLY D 121 13.43 -18.37 -2.68
C GLY D 121 14.39 -18.54 -3.83
N LYS D 122 14.77 -19.77 -4.12
CA LYS D 122 15.69 -20.02 -5.22
C LYS D 122 15.12 -19.50 -6.54
N ASN D 123 13.80 -19.62 -6.70
CA ASN D 123 13.15 -19.20 -7.94
C ASN D 123 12.12 -18.07 -7.85
N HIS D 124 12.21 -17.22 -6.82
CA HIS D 124 11.30 -16.08 -6.71
C HIS D 124 11.86 -15.03 -5.77
N TYR D 125 11.38 -13.79 -5.94
CA TYR D 125 11.84 -12.67 -5.11
C TYR D 125 10.79 -11.58 -5.29
N THR D 126 10.03 -11.29 -4.24
CA THR D 126 8.99 -10.28 -4.35
C THR D 126 8.79 -9.49 -3.07
N LEU D 127 8.40 -8.23 -3.21
CA LEU D 127 8.15 -7.32 -2.10
C LEU D 127 6.72 -6.79 -2.13
N THR D 129 4.14 -3.97 0.45
CA THR D 129 4.18 -3.09 1.61
C THR D 129 2.92 -2.27 1.73
N THR D 130 2.68 -1.79 2.94
CA THR D 130 1.57 -0.88 3.16
C THR D 130 1.75 -0.10 4.45
N ILE D 131 1.29 1.14 4.42
CA ILE D 131 1.29 1.98 5.60
C ILE D 131 0.20 1.27 6.40
N GLY D 132 0.25 1.32 7.73
CA GLY D 132 -0.78 0.64 8.49
C GLY D 132 -2.02 1.46 8.76
N TYR D 133 -3.00 0.85 9.44
CA TYR D 133 -4.20 1.56 9.84
C TYR D 133 -3.78 2.16 11.18
N TRP D 134 -4.17 3.40 11.45
CA TRP D 134 -3.78 4.07 12.68
C TRP D 134 -4.96 4.57 13.49
N GLU D 135 -4.72 4.74 14.79
CA GLU D 135 -5.74 5.23 15.70
C GLU D 135 -5.10 6.10 16.78
N GLU D 136 -5.86 7.08 17.26
CA GLU D 136 -5.40 8.00 18.29
C GLU D 136 -4.21 8.82 17.82
N GLY D 137 -4.47 9.72 16.89
CA GLY D 137 -3.41 10.57 16.36
C GLY D 137 -3.51 10.77 14.86
N SER D 138 -4.73 10.87 14.35
CA SER D 138 -4.95 11.06 12.92
C SER D 138 -4.64 12.49 12.51
#